data_7A1I
#
_entry.id   7A1I
#
_cell.length_a   60.418
_cell.length_b   73.385
_cell.length_c   120.514
_cell.angle_alpha   90.000
_cell.angle_beta   90.000
_cell.angle_gamma   90.000
#
_symmetry.space_group_name_H-M   'C 2 2 21'
#
loop_
_entity.id
_entity.type
_entity.pdbx_description
1 polymer 'BILBO1_N domain-containing protein'
2 polymer FPC4
3 non-polymer 'SODIUM ION'
4 non-polymer 1,2-ETHANEDIOL
5 non-polymer HEXANE-1,6-DIOL
6 non-polymer GLYCEROL
7 non-polymer '4-(2-HYDROXYETHYL)-1-PIPERAZINE ETHANESULFONIC ACID'
8 water water
#
loop_
_entity_poly.entity_id
_entity_poly.type
_entity_poly.pdbx_seq_one_letter_code
_entity_poly.pdbx_strand_id
1 'polypeptide(L)'
;HMMGGISICVATDCDGEKVNLRFLFDAAGPSVSRLLNYSTTAFNNYFRLKGISRAFAVNSAVVFNDVHCTWDRLERTTQL
LHNSQVYLFQPDTLDIPAAIPEPYEGEPLLSA
;
A,C
2 'polypeptide(L)' SSLSPYLRYLPSDVSGGEWDKPDVGDVLCFQAKEPQRRRVLTSPVPDELLIK B,D
#
loop_
_chem_comp.id
_chem_comp.type
_chem_comp.name
_chem_comp.formula
EDO non-polymer 1,2-ETHANEDIOL 'C2 H6 O2'
EPE non-polymer '4-(2-HYDROXYETHYL)-1-PIPERAZINE ETHANESULFONIC ACID' 'C8 H18 N2 O4 S'
GOL non-polymer GLYCEROL 'C3 H8 O3'
HEZ non-polymer HEXANE-1,6-DIOL 'C6 H14 O2'
NA non-polymer 'SODIUM ION' 'Na 1'
#
# COMPACT_ATOMS: atom_id res chain seq x y z
N GLY A 5 21.09 20.25 19.41
CA GLY A 5 20.78 19.33 18.32
C GLY A 5 19.31 18.99 18.28
N ILE A 6 18.75 18.91 17.07
CA ILE A 6 17.34 18.60 16.85
C ILE A 6 17.25 17.21 16.25
N SER A 7 16.46 16.33 16.87
CA SER A 7 16.29 14.97 16.39
C SER A 7 14.94 14.79 15.70
N ILE A 8 14.95 14.44 14.42
CA ILE A 8 13.74 14.16 13.67
C ILE A 8 13.76 12.68 13.27
N CYS A 9 12.68 11.96 13.58
CA CYS A 9 12.51 10.60 13.09
C CYS A 9 11.60 10.58 11.89
N VAL A 10 11.89 9.69 10.95
CA VAL A 10 11.21 9.57 9.68
C VAL A 10 10.93 8.10 9.45
N ALA A 11 9.65 7.74 9.25
CA ALA A 11 9.30 6.32 9.09
C ALA A 11 8.59 6.14 7.75
N THR A 12 8.57 4.90 7.28
CA THR A 12 7.91 4.54 6.03
C THR A 12 7.68 3.04 6.01
N ASP A 13 6.93 2.58 5.01
CA ASP A 13 6.60 1.17 4.87
C ASP A 13 7.61 0.45 3.98
N CYS A 14 8.05 -0.72 4.43
CA CYS A 14 8.95 -1.57 3.65
C CYS A 14 8.38 -2.99 3.68
N ASP A 15 7.73 -3.34 2.57
CA ASP A 15 7.14 -4.66 2.35
C ASP A 15 6.23 -5.08 3.50
N GLY A 16 5.44 -4.13 3.99
CA GLY A 16 4.47 -4.36 5.04
C GLY A 16 4.94 -3.99 6.44
N GLU A 17 6.25 -3.91 6.67
CA GLU A 17 6.80 -3.57 7.97
C GLU A 17 7.18 -2.09 8.02
N LYS A 18 7.04 -1.47 9.19
CA LYS A 18 7.41 -0.07 9.31
C LYS A 18 8.89 0.06 9.69
N VAL A 19 9.61 0.94 8.98
CA VAL A 19 11.02 1.22 9.23
C VAL A 19 11.15 2.68 9.66
N ASN A 20 11.88 2.91 10.74
CA ASN A 20 12.02 4.23 11.35
C ASN A 20 13.50 4.59 11.44
N LEU A 21 13.86 5.80 10.99
CA LEU A 21 15.22 6.35 11.00
C LEU A 21 15.27 7.66 11.77
N ARG A 22 16.36 7.87 12.52
CA ARG A 22 16.56 9.11 13.25
C ARG A 22 17.66 9.93 12.57
N PHE A 23 17.41 11.22 12.39
CA PHE A 23 18.38 12.17 11.86
C PHE A 23 18.62 13.27 12.90
N LEU A 24 19.89 13.61 13.10
CA LEU A 24 20.31 14.64 14.03
C LEU A 24 20.79 15.86 13.26
N PHE A 25 20.23 17.02 13.57
CA PHE A 25 20.61 18.27 12.92
C PHE A 25 21.12 19.26 13.96
N ASP A 26 21.74 20.33 13.45
CA ASP A 26 22.19 21.43 14.29
C ASP A 26 21.00 22.06 15.02
N ALA A 27 21.32 22.86 16.04
CA ALA A 27 20.28 23.51 16.84
C ALA A 27 19.28 24.30 15.99
N ALA A 28 19.69 24.74 14.79
CA ALA A 28 18.76 25.42 13.90
C ALA A 28 17.71 24.45 13.36
N GLY A 29 18.16 23.35 12.75
CA GLY A 29 17.25 22.33 12.30
C GLY A 29 17.22 22.17 10.80
N PRO A 30 16.46 21.19 10.32
CA PRO A 30 16.32 20.99 8.89
C PRO A 30 15.13 21.77 8.33
N SER A 31 15.18 21.96 7.03
CA SER A 31 14.02 22.40 6.27
C SER A 31 13.33 21.16 5.73
N VAL A 32 12.05 21.30 5.41
CA VAL A 32 11.31 20.11 5.01
C VAL A 32 11.94 19.50 3.76
N SER A 33 12.30 20.32 2.79
CA SER A 33 12.82 19.75 1.55
C SER A 33 14.13 19.01 1.80
N ARG A 34 15.00 19.55 2.65
CA ARG A 34 16.23 18.86 3.00
C ARG A 34 15.96 17.54 3.70
N LEU A 35 15.04 17.55 4.66
CA LEU A 35 14.67 16.32 5.35
C LEU A 35 14.14 15.26 4.37
N LEU A 36 13.36 15.69 3.38
CA LEU A 36 12.84 14.76 2.40
C LEU A 36 13.93 14.19 1.49
N ASN A 37 14.90 15.02 1.10
CA ASN A 37 16.00 14.52 0.28
C ASN A 37 16.89 13.54 1.05
N TYR A 38 17.22 13.87 2.31
CA TYR A 38 17.97 12.94 3.16
C TYR A 38 17.22 11.62 3.34
N SER A 39 15.90 11.71 3.59
CA SER A 39 15.08 10.52 3.76
C SER A 39 15.05 9.67 2.51
N THR A 40 14.92 10.32 1.34
CA THR A 40 14.87 9.58 0.09
C THR A 40 16.19 8.85 -0.17
N THR A 41 17.31 9.52 0.06
CA THR A 41 18.61 8.85 -0.08
C THR A 41 18.72 7.67 0.88
N ALA A 42 18.36 7.88 2.15
CA ALA A 42 18.53 6.87 3.18
C ALA A 42 17.66 5.66 2.93
N PHE A 43 16.41 5.87 2.53
CA PHE A 43 15.53 4.73 2.31
C PHE A 43 15.83 4.01 1.00
N ASN A 44 16.31 4.72 -0.02
CA ASN A 44 16.77 3.99 -1.19
C ASN A 44 17.95 3.08 -0.83
N ASN A 45 18.89 3.57 -0.03
CA ASN A 45 19.99 2.70 0.40
C ASN A 45 19.49 1.57 1.30
N TYR A 46 18.50 1.85 2.14
CA TYR A 46 17.93 0.78 2.97
C TYR A 46 17.30 -0.30 2.11
N PHE A 47 16.45 0.09 1.15
CA PHE A 47 15.86 -0.87 0.21
C PHE A 47 16.94 -1.69 -0.49
N ARG A 48 18.04 -1.04 -0.91
CA ARG A 48 19.11 -1.80 -1.57
C ARG A 48 19.74 -2.79 -0.60
N LEU A 49 19.89 -2.39 0.66
CA LEU A 49 20.47 -3.28 1.67
C LEU A 49 19.60 -4.50 1.90
N LYS A 50 18.28 -4.34 1.86
CA LYS A 50 17.34 -5.43 2.10
C LYS A 50 17.07 -6.27 0.86
N GLY A 51 17.65 -5.92 -0.29
CA GLY A 51 17.46 -6.65 -1.52
C GLY A 51 16.25 -6.22 -2.32
N ILE A 52 15.66 -5.08 -2.01
CA ILE A 52 14.50 -4.59 -2.74
C ILE A 52 15.00 -3.83 -3.96
N SER A 53 14.48 -4.19 -5.13
CA SER A 53 14.95 -3.61 -6.38
C SER A 53 14.24 -2.32 -6.76
N ARG A 54 13.00 -2.13 -6.32
CA ARG A 54 12.27 -0.91 -6.68
C ARG A 54 12.83 0.29 -5.92
N ALA A 55 12.69 1.46 -6.52
CA ALA A 55 13.17 2.69 -5.90
C ALA A 55 12.20 3.18 -4.84
N PHE A 56 12.74 3.87 -3.84
CA PHE A 56 11.92 4.57 -2.86
C PHE A 56 11.65 5.99 -3.32
N ALA A 57 10.39 6.44 -3.16
CA ALA A 57 10.08 7.84 -3.40
C ALA A 57 8.91 8.26 -2.51
N VAL A 58 8.87 9.56 -2.20
CA VAL A 58 7.79 10.14 -1.39
C VAL A 58 6.76 10.77 -2.31
N ASN A 59 5.47 10.40 -2.13
CA ASN A 59 4.44 11.17 -2.79
C ASN A 59 3.52 11.92 -1.81
N SER A 60 3.68 11.72 -0.50
CA SER A 60 2.97 12.48 0.52
C SER A 60 3.70 12.35 1.86
N ALA A 61 3.67 13.41 2.68
CA ALA A 61 4.33 13.36 3.99
C ALA A 61 3.43 13.88 5.11
N VAL A 62 3.50 13.27 6.29
CA VAL A 62 2.74 13.74 7.46
C VAL A 62 3.68 13.80 8.67
N VAL A 63 3.28 14.60 9.65
CA VAL A 63 4.05 14.74 10.87
C VAL A 63 3.10 14.62 12.05
N PHE A 64 3.51 13.90 13.09
CA PHE A 64 2.63 13.67 14.22
C PHE A 64 2.61 14.89 15.13
N ASN A 65 1.41 15.34 15.48
CA ASN A 65 1.19 16.51 16.32
C ASN A 65 0.89 16.00 17.73
N ASP A 66 1.75 16.36 18.68
CA ASP A 66 1.57 15.91 20.05
C ASP A 66 0.34 16.54 20.71
N VAL A 67 0.06 17.82 20.42
CA VAL A 67 -1.00 18.52 21.14
C VAL A 67 -2.38 17.97 20.80
N HIS A 68 -2.60 17.60 19.53
CA HIS A 68 -3.90 17.10 19.10
C HIS A 68 -3.93 15.60 18.89
N CYS A 69 -2.79 14.92 18.98
CA CYS A 69 -2.70 13.48 18.77
C CYS A 69 -3.23 13.10 17.38
N THR A 70 -2.80 13.85 16.37
CA THR A 70 -3.22 13.59 14.99
C THR A 70 -2.00 13.70 14.07
N TRP A 71 -2.16 13.17 12.86
CA TRP A 71 -1.15 13.30 11.83
C TRP A 71 -1.53 14.48 10.93
N ASP A 72 -0.66 15.49 10.87
CA ASP A 72 -0.87 16.68 10.06
C ASP A 72 -0.07 16.60 8.76
N ARG A 73 -0.60 17.19 7.70
CA ARG A 73 0.17 17.29 6.46
C ARG A 73 1.46 18.08 6.72
N LEU A 74 2.58 17.58 6.19
CA LEU A 74 3.89 18.22 6.39
C LEU A 74 4.16 19.17 5.24
N GLU A 75 4.07 20.47 5.51
CA GLU A 75 4.15 21.50 4.48
C GLU A 75 5.15 22.60 4.82
N ARG A 76 5.35 22.90 6.10
CA ARG A 76 6.19 24.02 6.52
C ARG A 76 7.26 23.56 7.49
N THR A 77 8.41 24.22 7.40
CA THR A 77 9.55 23.89 8.25
C THR A 77 9.24 24.13 9.72
N THR A 78 8.35 25.09 10.04
CA THR A 78 7.99 25.33 11.43
C THR A 78 7.31 24.12 12.07
N GLN A 79 6.87 23.14 11.28
CA GLN A 79 6.31 21.92 11.85
C GLN A 79 7.37 20.96 12.36
N LEU A 80 8.65 21.19 12.04
CA LEU A 80 9.70 20.24 12.39
C LEU A 80 10.30 20.67 13.73
N LEU A 81 9.66 20.23 14.81
CA LEU A 81 10.12 20.44 16.17
C LEU A 81 11.02 19.29 16.62
N HIS A 82 11.66 19.47 17.76
CA HIS A 82 12.49 18.40 18.30
C HIS A 82 11.66 17.16 18.59
N ASN A 83 12.26 16.00 18.32
CA ASN A 83 11.64 14.70 18.55
C ASN A 83 10.39 14.50 17.70
N SER A 84 10.25 15.24 16.61
CA SER A 84 9.12 15.02 15.72
C SER A 84 9.22 13.65 15.05
N GLN A 85 8.05 13.07 14.78
CA GLN A 85 7.95 11.82 14.03
C GLN A 85 7.27 12.13 12.70
N VAL A 86 7.98 11.89 11.63
CA VAL A 86 7.48 12.04 10.28
C VAL A 86 7.14 10.67 9.71
N TYR A 87 6.12 10.63 8.85
CA TYR A 87 5.78 9.43 8.10
C TYR A 87 5.68 9.79 6.62
N LEU A 88 6.34 8.99 5.78
CA LEU A 88 6.39 9.19 4.33
C LEU A 88 5.53 8.14 3.63
N PHE A 89 4.54 8.61 2.88
CA PHE A 89 3.77 7.74 2.00
C PHE A 89 4.52 7.57 0.68
N GLN A 90 4.32 6.40 0.06
CA GLN A 90 4.95 6.10 -1.23
C GLN A 90 3.89 5.82 -2.29
N PRO A 91 4.23 6.02 -3.56
CA PRO A 91 3.36 5.52 -4.63
C PRO A 91 3.49 4.01 -4.78
N ASP A 92 2.48 3.40 -5.40
CA ASP A 92 2.46 1.95 -5.69
C ASP A 92 2.64 1.11 -4.42
N THR A 93 2.05 1.54 -3.31
CA THR A 93 2.31 0.92 -2.01
C THR A 93 1.01 0.74 -1.25
N LEU A 94 0.75 -0.50 -0.82
CA LEU A 94 -0.32 -0.78 0.14
C LEU A 94 0.18 -0.42 1.53
N ASP A 95 -0.39 0.62 2.12
CA ASP A 95 0.09 1.15 3.39
C ASP A 95 -0.95 0.83 4.47
N ILE A 96 -0.70 -0.26 5.21
CA ILE A 96 -1.61 -0.67 6.27
C ILE A 96 -1.06 -0.17 7.60
N PRO A 97 -1.89 0.39 8.47
CA PRO A 97 -1.38 0.91 9.75
C PRO A 97 -0.75 -0.19 10.60
N ALA A 98 0.39 0.13 11.18
CA ALA A 98 1.09 -0.76 12.10
C ALA A 98 1.97 0.09 13.01
N ALA A 99 2.49 -0.53 14.05
CA ALA A 99 3.30 0.18 15.03
C ALA A 99 4.59 0.66 14.38
N ILE A 100 4.96 1.91 14.67
CA ILE A 100 6.23 2.46 14.22
C ILE A 100 7.29 2.10 15.25
N PRO A 101 8.37 1.44 14.86
CA PRO A 101 9.35 0.97 15.85
C PRO A 101 10.32 2.06 16.26
N GLU A 102 11.16 1.70 17.24
CA GLU A 102 12.30 2.53 17.60
C GLU A 102 13.14 2.76 16.35
N PRO A 103 13.77 3.92 16.22
CA PRO A 103 14.52 4.22 15.00
C PRO A 103 15.92 3.62 15.02
N TYR A 104 16.40 3.24 13.83
CA TYR A 104 17.83 3.14 13.59
C TYR A 104 18.41 4.53 13.40
N GLU A 105 19.74 4.63 13.47
CA GLU A 105 20.42 5.84 13.06
C GLU A 105 20.37 5.97 11.54
N GLY A 106 19.92 7.13 11.04
CA GLY A 106 19.80 7.29 9.60
C GLY A 106 21.08 7.69 8.90
N GLU A 107 22.02 8.30 9.61
CA GLU A 107 23.23 8.83 8.96
C GLU A 107 24.07 7.78 8.24
N PRO A 108 24.26 6.55 8.75
CA PRO A 108 25.08 5.58 7.98
C PRO A 108 24.49 5.30 6.61
N LEU A 109 23.18 5.47 6.46
CA LEU A 109 22.48 5.28 5.19
C LEU A 109 22.62 6.47 4.24
N LEU A 110 23.24 7.57 4.66
CA LEU A 110 23.40 8.74 3.79
C LEU A 110 24.68 8.58 2.97
N SER A 111 24.54 8.07 1.76
CA SER A 111 25.67 7.91 0.84
C SER A 111 25.21 7.62 -0.58
N VAL B 40 4.51 2.55 20.21
CA VAL B 40 3.86 3.75 20.74
C VAL B 40 2.95 4.39 19.69
N LEU B 41 3.53 4.84 18.58
CA LEU B 41 2.74 5.43 17.50
C LEU B 41 2.41 4.37 16.46
N THR B 42 1.14 4.34 16.06
CA THR B 42 0.73 3.53 14.92
C THR B 42 0.78 4.39 13.67
N SER B 43 1.18 3.78 12.55
CA SER B 43 1.35 4.53 11.31
C SER B 43 -0.01 5.01 10.78
N PRO B 44 -0.04 6.15 10.10
CA PRO B 44 -1.31 6.72 9.65
C PRO B 44 -1.79 6.07 8.36
N VAL B 45 -3.07 6.25 8.08
CA VAL B 45 -3.65 5.80 6.82
C VAL B 45 -3.89 7.05 5.98
N PRO B 46 -3.72 6.99 4.64
CA PRO B 46 -4.07 8.18 3.83
C PRO B 46 -5.58 8.36 3.69
N GLY C 5 2.24 -22.01 -3.99
CA GLY C 5 3.17 -21.97 -5.11
C GLY C 5 2.58 -21.28 -6.33
N ILE C 6 1.25 -21.21 -6.36
CA ILE C 6 0.52 -20.63 -7.48
C ILE C 6 0.01 -19.28 -7.03
N SER C 7 0.30 -18.24 -7.82
CA SER C 7 -0.07 -16.86 -7.52
C SER C 7 -1.28 -16.47 -8.37
N ILE C 8 -2.35 -16.04 -7.71
CA ILE C 8 -3.56 -15.58 -8.39
C ILE C 8 -3.76 -14.12 -8.02
N CYS C 9 -3.93 -13.25 -9.02
CA CYS C 9 -4.26 -11.86 -8.75
C CYS C 9 -5.77 -11.65 -8.90
N VAL C 10 -6.31 -10.79 -8.03
CA VAL C 10 -7.75 -10.55 -7.93
C VAL C 10 -7.94 -9.04 -7.84
N ALA C 11 -8.69 -8.46 -8.78
CA ALA C 11 -8.83 -7.02 -8.83
C ALA C 11 -10.30 -6.62 -8.79
N THR C 12 -10.54 -5.37 -8.38
CA THR C 12 -11.92 -4.89 -8.29
C THR C 12 -11.88 -3.35 -8.26
N ASP C 13 -13.06 -2.76 -8.39
CA ASP C 13 -13.19 -1.31 -8.40
C ASP C 13 -13.43 -0.82 -6.97
N CYS C 14 -12.59 0.10 -6.51
CA CYS C 14 -12.74 0.74 -5.22
CA CYS C 14 -12.74 0.74 -5.22
C CYS C 14 -12.94 2.23 -5.48
N ASP C 15 -14.21 2.65 -5.53
CA ASP C 15 -14.61 4.04 -5.76
C ASP C 15 -13.90 4.67 -6.96
N GLY C 16 -13.79 3.92 -8.05
CA GLY C 16 -13.19 4.40 -9.27
C GLY C 16 -11.74 3.96 -9.47
N GLU C 17 -11.02 3.60 -8.42
CA GLU C 17 -9.66 3.14 -8.59
C GLU C 17 -9.64 1.61 -8.67
N LYS C 18 -8.82 1.07 -9.57
CA LYS C 18 -8.74 -0.38 -9.66
C LYS C 18 -7.67 -0.84 -8.67
N VAL C 19 -8.02 -1.79 -7.83
CA VAL C 19 -7.10 -2.32 -6.83
C VAL C 19 -6.92 -3.81 -7.11
N ASN C 20 -5.66 -4.24 -7.14
CA ASN C 20 -5.26 -5.60 -7.49
C ASN C 20 -4.50 -6.21 -6.32
N LEU C 21 -4.92 -7.41 -5.90
CA LEU C 21 -4.30 -8.13 -4.80
C LEU C 21 -3.80 -9.49 -5.25
N ARG C 22 -2.64 -9.89 -4.76
CA ARG C 22 -2.09 -11.20 -5.07
C ARG C 22 -2.27 -12.14 -3.88
N PHE C 23 -2.77 -13.34 -4.16
CA PHE C 23 -2.91 -14.40 -3.16
C PHE C 23 -2.10 -15.61 -3.59
N LEU C 24 -1.39 -16.20 -2.64
CA LEU C 24 -0.50 -17.31 -2.89
C LEU C 24 -1.11 -18.59 -2.35
N PHE C 25 -1.22 -19.60 -3.20
CA PHE C 25 -1.74 -20.92 -2.83
C PHE C 25 -0.71 -22.01 -3.09
N GLY C 29 -2.99 -26.78 -3.80
CA GLY C 29 -3.55 -25.87 -4.79
C GLY C 29 -4.64 -24.97 -4.27
N PRO C 30 -5.13 -24.06 -5.10
CA PRO C 30 -6.21 -23.17 -4.69
C PRO C 30 -7.58 -23.74 -5.01
N SER C 31 -8.59 -23.31 -4.24
CA SER C 31 -9.99 -23.50 -4.65
C SER C 31 -10.62 -22.14 -4.86
N VAL C 32 -11.61 -22.08 -5.76
CA VAL C 32 -12.21 -20.79 -6.09
C VAL C 32 -12.99 -20.22 -4.91
N SER C 33 -13.75 -21.06 -4.21
CA SER C 33 -14.62 -20.58 -3.13
C SER C 33 -13.82 -19.98 -1.99
N ARG C 34 -12.67 -20.58 -1.67
CA ARG C 34 -11.78 -19.98 -0.67
C ARG C 34 -11.19 -18.67 -1.19
N LEU C 35 -10.81 -18.60 -2.46
CA LEU C 35 -10.29 -17.36 -3.00
C LEU C 35 -11.33 -16.25 -2.94
N LEU C 36 -12.58 -16.58 -3.23
CA LEU C 36 -13.64 -15.57 -3.19
C LEU C 36 -13.91 -15.10 -1.76
N ASN C 37 -13.91 -16.02 -0.78
CA ASN C 37 -14.11 -15.57 0.60
C ASN C 37 -12.93 -14.74 1.09
N TYR C 38 -11.70 -15.15 0.78
CA TYR C 38 -10.54 -14.33 1.11
C TYR C 38 -10.65 -12.95 0.50
N SER C 39 -11.04 -12.86 -0.77
CA SER C 39 -11.16 -11.59 -1.47
C SER C 39 -12.21 -10.70 -0.83
N THR C 40 -13.34 -11.27 -0.46
CA THR C 40 -14.41 -10.50 0.15
C THR C 40 -13.95 -9.92 1.48
N THR C 41 -13.27 -10.73 2.30
CA THR C 41 -12.71 -10.20 3.54
C THR C 41 -11.68 -9.09 3.28
N ALA C 42 -10.74 -9.33 2.34
CA ALA C 42 -9.66 -8.36 2.10
C ALA C 42 -10.20 -7.05 1.55
N PHE C 43 -11.15 -7.11 0.62
CA PHE C 43 -11.66 -5.89 0.02
C PHE C 43 -12.61 -5.15 0.95
N ASN C 44 -13.33 -5.84 1.85
CA ASN C 44 -14.04 -5.11 2.89
C ASN C 44 -13.07 -4.38 3.82
N ASN C 45 -11.95 -5.03 4.18
CA ASN C 45 -10.98 -4.34 5.02
C ASN C 45 -10.33 -3.17 4.29
N TYR C 46 -10.09 -3.33 2.98
CA TYR C 46 -9.55 -2.22 2.19
C TYR C 46 -10.54 -1.05 2.16
N PHE C 47 -11.83 -1.33 1.88
CA PHE C 47 -12.85 -0.29 1.91
C PHE C 47 -12.84 0.44 3.25
N ARG C 48 -12.73 -0.31 4.35
CA ARG C 48 -12.71 0.35 5.66
C ARG C 48 -11.46 1.21 5.81
N LEU C 49 -10.32 0.76 5.27
CA LEU C 49 -9.08 1.53 5.37
C LEU C 49 -9.19 2.85 4.61
N LYS C 50 -9.86 2.84 3.47
CA LYS C 50 -10.03 4.01 2.63
C LYS C 50 -11.22 4.86 3.05
N GLY C 51 -11.97 4.45 4.06
CA GLY C 51 -13.10 5.25 4.51
C GLY C 51 -14.40 5.04 3.76
N ILE C 52 -14.51 3.95 3.01
CA ILE C 52 -15.73 3.64 2.28
C ILE C 52 -16.67 2.90 3.21
N SER C 53 -17.90 3.39 3.34
CA SER C 53 -18.83 2.84 4.32
C SER C 53 -19.60 1.64 3.81
N ARG C 54 -19.86 1.56 2.50
CA ARG C 54 -20.63 0.44 1.98
C ARG C 54 -19.80 -0.85 2.03
N ALA C 55 -20.50 -1.96 2.16
CA ALA C 55 -19.84 -3.25 2.20
C ALA C 55 -19.48 -3.71 0.79
N PHE C 56 -18.37 -4.43 0.70
CA PHE C 56 -17.98 -5.06 -0.56
C PHE C 56 -18.67 -6.42 -0.67
N ALA C 57 -19.16 -6.73 -1.87
CA ALA C 57 -19.68 -8.06 -2.17
C ALA C 57 -19.46 -8.34 -3.65
N VAL C 58 -19.31 -9.62 -3.98
CA VAL C 58 -19.14 -10.06 -5.36
C VAL C 58 -20.49 -10.48 -5.91
N ASN C 59 -20.88 -9.92 -7.05
CA ASN C 59 -22.06 -10.42 -7.74
C ASN C 59 -21.70 -11.14 -9.02
N SER C 60 -20.43 -11.10 -9.43
CA SER C 60 -19.96 -11.88 -10.56
C SER C 60 -18.43 -11.88 -10.53
N ALA C 61 -17.83 -13.01 -10.86
CA ALA C 61 -16.38 -13.11 -10.89
C ALA C 61 -15.96 -13.62 -12.27
N VAL C 62 -14.92 -12.99 -12.82
CA VAL C 62 -14.43 -13.40 -14.12
C VAL C 62 -12.93 -13.59 -14.03
N VAL C 63 -12.40 -14.32 -14.99
CA VAL C 63 -10.98 -14.63 -15.09
C VAL C 63 -10.57 -14.38 -16.52
N PHE C 64 -9.41 -13.75 -16.72
CA PHE C 64 -9.00 -13.45 -18.08
C PHE C 64 -8.45 -14.70 -18.74
N ASN C 65 -9.02 -15.03 -19.90
CA ASN C 65 -8.68 -16.22 -20.68
C ASN C 65 -7.88 -15.81 -21.92
N ASP C 66 -6.65 -16.32 -22.01
CA ASP C 66 -5.79 -16.09 -23.15
C ASP C 66 -6.30 -16.77 -24.41
N VAL C 67 -7.00 -17.90 -24.26
CA VAL C 67 -7.37 -18.68 -25.45
C VAL C 67 -8.29 -17.88 -26.35
N HIS C 68 -9.23 -17.15 -25.75
CA HIS C 68 -10.17 -16.33 -26.49
C HIS C 68 -9.85 -14.85 -26.36
N CYS C 69 -8.88 -14.48 -25.51
CA CYS C 69 -8.55 -13.09 -25.21
C CYS C 69 -9.78 -12.37 -24.67
N THR C 70 -10.50 -13.02 -23.76
CA THR C 70 -11.73 -12.46 -23.22
C THR C 70 -11.80 -12.78 -21.74
N TRP C 71 -12.74 -12.12 -21.05
CA TRP C 71 -12.99 -12.43 -19.66
C TRP C 71 -14.11 -13.47 -19.57
N ASP C 72 -13.78 -14.65 -19.04
CA ASP C 72 -14.73 -15.75 -18.87
C ASP C 72 -15.24 -15.80 -17.44
N ARG C 73 -16.45 -16.33 -17.27
CA ARG C 73 -16.95 -16.57 -15.91
C ARG C 73 -15.97 -17.46 -15.16
N LEU C 74 -15.63 -17.08 -13.94
CA LEU C 74 -14.79 -17.91 -13.08
C LEU C 74 -15.69 -18.94 -12.41
N GLU C 75 -15.56 -20.21 -12.82
CA GLU C 75 -16.43 -21.26 -12.34
C GLU C 75 -15.71 -22.49 -11.81
N ARG C 76 -14.44 -22.70 -12.12
CA ARG C 76 -13.75 -23.93 -11.79
C ARG C 76 -12.33 -23.63 -11.33
N THR C 77 -11.86 -24.41 -10.35
CA THR C 77 -10.48 -24.33 -9.92
C THR C 77 -9.53 -24.61 -11.07
N THR C 78 -9.93 -25.46 -12.01
CA THR C 78 -9.10 -25.78 -13.18
C THR C 78 -8.86 -24.56 -14.09
N GLN C 79 -9.60 -23.47 -13.90
CA GLN C 79 -9.35 -22.23 -14.63
C GLN C 79 -8.25 -21.39 -14.03
N LEU C 80 -7.83 -21.67 -12.80
CA LEU C 80 -6.88 -20.81 -12.09
C LEU C 80 -5.47 -21.31 -12.34
N LEU C 81 -4.87 -20.84 -13.42
CA LEU C 81 -3.48 -21.16 -13.72
C LEU C 81 -2.57 -20.16 -13.05
N HIS C 82 -1.28 -20.45 -13.07
CA HIS C 82 -0.34 -19.52 -12.44
C HIS C 82 -0.45 -18.16 -13.12
N ASN C 83 -0.44 -17.11 -12.30
CA ASN C 83 -0.50 -15.72 -12.74
C ASN C 83 -1.83 -15.37 -13.43
N SER C 84 -2.89 -16.12 -13.16
CA SER C 84 -4.18 -15.75 -13.69
C SER C 84 -4.63 -14.42 -13.09
N GLN C 85 -5.41 -13.67 -13.86
CA GLN C 85 -5.97 -12.42 -13.37
C GLN C 85 -7.47 -12.57 -13.24
N VAL C 86 -7.97 -12.39 -12.03
CA VAL C 86 -9.38 -12.42 -11.73
C VAL C 86 -9.88 -10.99 -11.56
N TYR C 87 -11.14 -10.74 -11.93
CA TYR C 87 -11.80 -9.47 -11.69
C TYR C 87 -13.13 -9.72 -11.02
N LEU C 88 -13.39 -8.98 -9.95
CA LEU C 88 -14.63 -9.14 -9.20
C LEU C 88 -15.54 -7.95 -9.47
N PHE C 89 -16.69 -8.21 -10.07
CA PHE C 89 -17.70 -7.18 -10.22
C PHE C 89 -18.47 -7.03 -8.93
N GLN C 90 -18.94 -5.81 -8.68
CA GLN C 90 -19.77 -5.53 -7.52
C GLN C 90 -21.13 -5.04 -7.99
N PRO C 91 -22.16 -5.22 -7.18
CA PRO C 91 -23.46 -4.62 -7.49
C PRO C 91 -23.46 -3.13 -7.16
N ASP C 92 -24.43 -2.42 -7.74
CA ASP C 92 -24.64 -1.01 -7.40
C ASP C 92 -23.36 -0.19 -7.56
N THR C 93 -22.63 -0.47 -8.63
CA THR C 93 -21.32 0.12 -8.85
C THR C 93 -21.19 0.56 -10.30
N LEU C 94 -20.81 1.82 -10.50
CA LEU C 94 -20.47 2.30 -11.82
C LEU C 94 -19.04 1.84 -12.08
N ASP C 95 -18.88 0.75 -12.85
CA ASP C 95 -17.58 0.11 -13.06
C ASP C 95 -17.09 0.51 -14.44
N ILE C 96 -16.24 1.54 -14.50
CA ILE C 96 -15.74 2.06 -15.76
C ILE C 96 -14.41 1.39 -16.07
N PRO C 97 -14.18 0.94 -17.29
CA PRO C 97 -12.91 0.27 -17.63
C PRO C 97 -11.72 1.18 -17.42
N ALA C 98 -10.69 0.61 -16.80
CA ALA C 98 -9.40 1.27 -16.63
C ALA C 98 -8.35 0.19 -16.47
N ALA C 99 -7.09 0.61 -16.54
CA ALA C 99 -5.98 -0.34 -16.44
C ALA C 99 -5.98 -0.97 -15.05
N ILE C 100 -5.76 -2.27 -14.99
CA ILE C 100 -5.56 -2.98 -13.73
C ILE C 100 -4.09 -2.83 -13.35
N PRO C 101 -3.77 -2.32 -12.19
CA PRO C 101 -2.36 -2.11 -11.83
C PRO C 101 -1.74 -3.39 -11.31
N GLU C 102 -0.42 -3.34 -11.13
CA GLU C 102 0.30 -4.42 -10.49
C GLU C 102 -0.29 -4.69 -9.11
N PRO C 103 -0.23 -5.94 -8.65
CA PRO C 103 -0.93 -6.30 -7.41
C PRO C 103 -0.15 -5.91 -6.15
N TYR C 104 -0.90 -5.58 -5.11
CA TYR C 104 -0.40 -5.62 -3.75
C TYR C 104 -0.51 -7.06 -3.22
N GLU C 105 0.12 -7.31 -2.08
CA GLU C 105 -0.11 -8.56 -1.35
C GLU C 105 -1.47 -8.50 -0.67
N GLY C 106 -2.28 -9.54 -0.89
CA GLY C 106 -3.61 -9.54 -0.33
C GLY C 106 -3.69 -10.03 1.09
N GLU C 107 -2.74 -10.89 1.50
CA GLU C 107 -2.83 -11.48 2.84
C GLU C 107 -2.85 -10.47 3.97
N PRO C 108 -2.02 -9.40 3.98
CA PRO C 108 -2.12 -8.43 5.09
C PRO C 108 -3.51 -7.85 5.31
N LEU C 109 -4.36 -7.81 4.27
CA LEU C 109 -5.72 -7.29 4.42
C LEU C 109 -6.69 -8.28 5.03
N LEU C 110 -6.29 -9.53 5.28
CA LEU C 110 -7.24 -10.48 5.84
C LEU C 110 -7.41 -10.31 7.34
N SER C 111 -6.40 -9.79 8.03
CA SER C 111 -6.53 -9.55 9.46
C SER C 111 -7.21 -8.21 9.73
N VAL D 40 -1.42 -3.05 -17.99
CA VAL D 40 -1.37 -4.05 -19.04
C VAL D 40 -2.79 -4.49 -19.45
N LEU D 41 -3.54 -5.08 -18.51
CA LEU D 41 -4.91 -5.50 -18.79
C LEU D 41 -5.89 -4.40 -18.42
N THR D 42 -6.85 -4.15 -19.30
CA THR D 42 -7.93 -3.23 -18.97
C THR D 42 -9.06 -3.99 -18.29
N SER D 43 -9.67 -3.36 -17.29
CA SER D 43 -10.72 -4.00 -16.52
C SER D 43 -11.97 -4.18 -17.39
N PRO D 44 -12.71 -5.27 -17.19
CA PRO D 44 -13.81 -5.61 -18.08
C PRO D 44 -15.13 -4.93 -17.75
N VAL D 45 -16.02 -4.95 -18.72
CA VAL D 45 -17.41 -4.56 -18.56
C VAL D 45 -18.25 -5.84 -18.62
N PRO D 46 -19.32 -5.97 -17.83
CA PRO D 46 -20.16 -7.17 -18.00
C PRO D 46 -21.04 -7.08 -19.26
NA NA E . 0.18 6.73 -1.50
NA NA F . 5.22 17.73 16.34
C1 EDO G . 16.18 0.20 16.68
O1 EDO G . 17.58 0.05 16.93
C2 EDO G . 15.58 -1.16 16.40
O2 EDO G . 14.22 -1.01 15.96
O1 HEZ H . 11.65 -3.52 7.54
C1 HEZ H . 12.39 -4.13 6.51
C2 HEZ H . 11.48 -5.03 5.67
C3 HEZ H . 12.36 -5.87 4.73
C4 HEZ H . 11.62 -6.15 3.43
C5 HEZ H . 11.85 -7.59 2.97
C6 HEZ H . 13.36 -7.85 2.84
O6 HEZ H . 13.58 -8.99 2.06
NA NA I . 1.82 -5.27 -0.64
C1 GOL J . -1.70 -6.21 -14.14
O1 GOL J . -2.39 -5.84 -15.30
C2 GOL J . -1.61 -7.74 -14.17
O2 GOL J . -2.81 -8.33 -14.58
C3 GOL J . -1.18 -8.16 -12.73
O3 GOL J . -0.31 -9.27 -12.87
N1 EPE K . -3.30 -10.14 -26.02
C2 EPE K . -2.97 -9.06 -25.07
C3 EPE K . -3.73 -7.76 -25.34
N4 EPE K . -3.53 -7.33 -26.72
C5 EPE K . -3.28 -8.33 -27.71
C6 EPE K . -3.90 -9.66 -27.29
C7 EPE K . -3.68 -5.93 -27.07
C8 EPE K . -5.04 -5.37 -26.68
O8 EPE K . -5.92 -5.42 -27.78
C9 EPE K . -2.08 -10.90 -26.31
C10 EPE K . -1.85 -11.96 -25.25
S EPE K . -0.28 -12.82 -25.46
O1S EPE K . 0.13 -13.41 -24.18
O2S EPE K . -0.44 -13.88 -26.46
O3S EPE K . 0.76 -11.89 -25.89
#